data_6SJY
#
_entry.id   6SJY
#
_cell.length_a   174.214
_cell.length_b   174.214
_cell.length_c   60.991
_cell.angle_alpha   90.000
_cell.angle_beta   90.000
_cell.angle_gamma   90.000
#
_symmetry.space_group_name_H-M   'P 41 21 2'
#
loop_
_entity.id
_entity.type
_entity.pdbx_description
1 polymer 'L-2,4-diaminobutyric acid acetyltransferase'
2 non-polymer GLYCEROL
3 non-polymer '(2~{S})-4-acetamido-2-azanyl-butanoic acid'
4 non-polymer 2-AMINO-2-HYDROXYMETHYL-PROPANE-1,3-DIOL
5 water water
#
_entity_poly.entity_id   1
_entity_poly.type   'polypeptide(L)'
_entity_poly.pdbx_seq_one_letter_code
;MAVDTGTEVVYRRPEARDGTRVWELIRDTGSLDLNSPYCYMLLGDYFNDTCMIAEHEGDIVGFISAFRSPRNPETLFVWQ
VAVASSHRRQGIAKAMLTGLMNQKACHGVRFIETTVSPSNMASRRLFLGYAEEKSIPSTVTVGYGAEMFPDGTTHEDEPL
FVIGPFFNDIGSAWSHPQFEK
;
_entity_poly.pdbx_strand_id   A,C,B
#
loop_
_chem_comp.id
_chem_comp.type
_chem_comp.name
_chem_comp.formula
9YT non-polymer '(2~{S})-4-acetamido-2-azanyl-butanoic acid' 'C6 H12 N2 O3'
GOL non-polymer GLYCEROL 'C3 H8 O3'
TRS non-polymer 2-AMINO-2-HYDROXYMETHYL-PROPANE-1,3-DIOL 'C4 H12 N O3 1'
#
# COMPACT_ATOMS: atom_id res chain seq x y z
N ASP A 4 24.16 -32.58 -3.92
CA ASP A 4 25.38 -33.45 -3.95
C ASP A 4 25.09 -34.96 -4.20
N THR A 5 23.80 -35.39 -4.24
CA THR A 5 23.37 -36.80 -4.56
C THR A 5 22.41 -37.00 -5.84
N GLY A 6 22.35 -35.99 -6.72
CA GLY A 6 21.53 -36.04 -7.98
C GLY A 6 20.01 -35.95 -7.83
N THR A 7 19.56 -35.47 -6.66
CA THR A 7 18.14 -35.37 -6.25
C THR A 7 17.71 -33.94 -5.82
N GLU A 8 18.57 -32.96 -6.00
CA GLU A 8 18.17 -31.61 -5.86
C GLU A 8 17.41 -31.13 -7.15
N VAL A 9 16.57 -30.14 -6.89
CA VAL A 9 15.70 -29.57 -7.91
C VAL A 9 16.60 -28.66 -8.68
N VAL A 10 16.52 -28.73 -10.01
CA VAL A 10 17.32 -27.80 -10.88
C VAL A 10 16.45 -26.85 -11.70
N TYR A 11 17.02 -25.68 -11.99
CA TYR A 11 16.32 -24.55 -12.50
C TYR A 11 16.99 -24.11 -13.78
N ARG A 12 16.22 -23.93 -14.86
CA ARG A 12 16.75 -23.36 -16.10
C ARG A 12 15.68 -22.60 -16.90
N ARG A 13 16.13 -21.84 -17.87
CA ARG A 13 15.25 -21.26 -18.87
C ARG A 13 14.63 -22.32 -19.75
N PRO A 14 13.33 -22.23 -20.06
CA PRO A 14 12.75 -23.25 -20.94
C PRO A 14 13.22 -22.98 -22.36
N GLU A 15 12.89 -23.92 -23.23
CA GLU A 15 13.10 -23.78 -24.68
C GLU A 15 11.79 -24.21 -25.32
N ALA A 16 11.64 -23.97 -26.63
CA ALA A 16 10.40 -24.26 -27.31
C ALA A 16 10.03 -25.70 -27.13
N ARG A 17 11.04 -26.57 -27.13
CA ARG A 17 10.75 -28.02 -27.14
C ARG A 17 10.22 -28.43 -25.75
N ASP A 18 10.41 -27.63 -24.70
CA ASP A 18 9.70 -27.87 -23.40
C ASP A 18 8.20 -27.65 -23.40
N GLY A 19 7.65 -27.05 -24.46
CA GLY A 19 6.31 -26.51 -24.42
C GLY A 19 5.33 -27.56 -23.95
N THR A 20 5.38 -28.75 -24.52
CA THR A 20 4.44 -29.81 -24.19
C THR A 20 4.57 -30.30 -22.72
N ARG A 21 5.78 -30.41 -22.24
CA ARG A 21 5.97 -30.87 -20.89
C ARG A 21 5.46 -29.77 -19.93
N VAL A 22 5.63 -28.50 -20.30
CA VAL A 22 5.08 -27.43 -19.49
C VAL A 22 3.57 -27.49 -19.54
N TRP A 23 3.03 -27.66 -20.71
CA TRP A 23 1.61 -27.80 -20.81
C TRP A 23 1.07 -28.93 -19.92
N GLU A 24 1.77 -30.06 -19.90
CA GLU A 24 1.32 -31.19 -19.07
C GLU A 24 1.37 -30.89 -17.57
N LEU A 25 2.39 -30.17 -17.14
CA LEU A 25 2.43 -29.68 -15.79
C LEU A 25 1.24 -28.77 -15.47
N ILE A 26 0.98 -27.80 -16.32
CA ILE A 26 -0.09 -26.88 -16.05
C ILE A 26 -1.39 -27.69 -16.09
N ARG A 27 -1.56 -28.58 -17.04
CA ARG A 27 -2.76 -29.37 -17.08
C ARG A 27 -3.01 -30.20 -15.78
N ASP A 28 -1.99 -30.79 -15.19
CA ASP A 28 -2.18 -31.71 -14.04
C ASP A 28 -2.43 -30.97 -12.71
N THR A 29 -2.13 -29.69 -12.76
CA THR A 29 -2.37 -28.77 -11.71
C THR A 29 -3.89 -28.66 -11.58
N GLY A 30 -4.58 -28.87 -12.67
CA GLY A 30 -6.01 -28.76 -12.67
C GLY A 30 -6.45 -27.33 -12.42
N SER A 31 -6.11 -26.82 -11.25
CA SER A 31 -6.50 -25.47 -10.82
C SER A 31 -6.05 -24.26 -11.62
N LEU A 32 -5.15 -24.43 -12.58
CA LEU A 32 -4.60 -23.29 -13.35
C LEU A 32 -5.36 -23.26 -14.64
N ASP A 33 -5.39 -22.04 -15.19
CA ASP A 33 -5.95 -21.66 -16.49
C ASP A 33 -5.05 -22.21 -17.63
N LEU A 34 -5.46 -23.28 -18.26
CA LEU A 34 -4.58 -23.98 -19.18
C LEU A 34 -4.54 -23.25 -20.54
N ASN A 35 -3.38 -22.81 -20.99
CA ASN A 35 -3.30 -22.32 -22.38
C ASN A 35 -2.97 -23.48 -23.35
N SER A 36 -2.96 -23.19 -24.65
CA SER A 36 -2.62 -24.21 -25.64
C SER A 36 -1.15 -24.63 -25.51
N PRO A 37 -0.83 -25.83 -26.00
CA PRO A 37 0.57 -26.25 -26.06
C PRO A 37 1.44 -25.27 -26.86
N TYR A 38 0.88 -24.75 -27.93
CA TYR A 38 1.59 -23.78 -28.74
C TYR A 38 2.01 -22.56 -27.94
N CYS A 39 1.16 -22.11 -27.03
CA CYS A 39 1.45 -20.92 -26.22
C CYS A 39 2.68 -21.18 -25.39
N TYR A 40 2.74 -22.38 -24.81
CA TYR A 40 3.93 -22.76 -23.98
C TYR A 40 5.19 -22.90 -24.85
N MET A 41 5.02 -23.32 -26.09
CA MET A 41 6.19 -23.35 -26.99
C MET A 41 6.66 -21.97 -27.31
N LEU A 42 5.72 -21.06 -27.56
CA LEU A 42 6.12 -19.72 -27.82
C LEU A 42 6.79 -19.08 -26.64
N LEU A 43 6.31 -19.38 -25.43
CA LEU A 43 6.99 -18.84 -24.25
C LEU A 43 8.43 -19.40 -24.16
N GLY A 44 8.60 -20.69 -24.41
CA GLY A 44 9.96 -21.27 -24.49
C GLY A 44 10.81 -20.64 -25.60
N ASP A 45 10.17 -20.15 -26.64
CA ASP A 45 10.89 -19.67 -27.83
C ASP A 45 11.22 -18.20 -27.70
N TYR A 46 10.20 -17.37 -27.43
CA TYR A 46 10.36 -15.93 -27.48
C TYR A 46 10.45 -15.29 -26.12
N PHE A 47 9.90 -15.93 -25.10
CA PHE A 47 9.92 -15.26 -23.78
C PHE A 47 10.81 -15.94 -22.76
N ASN A 48 11.71 -16.78 -23.24
CA ASN A 48 12.42 -17.63 -22.33
C ASN A 48 13.40 -16.96 -21.45
N ASP A 49 13.78 -15.75 -21.80
CA ASP A 49 14.61 -14.95 -20.96
C ASP A 49 13.98 -14.54 -19.64
N THR A 50 12.64 -14.51 -19.60
CA THR A 50 11.93 -14.14 -18.41
C THR A 50 11.03 -15.22 -17.99
N CYS A 51 11.40 -16.47 -18.27
CA CYS A 51 10.65 -17.63 -17.76
C CYS A 51 11.63 -18.60 -17.13
N MET A 52 11.10 -19.56 -16.36
CA MET A 52 11.88 -20.56 -15.66
C MET A 52 11.15 -21.88 -15.52
N ILE A 53 11.91 -22.94 -15.61
CA ILE A 53 11.49 -24.31 -15.37
C ILE A 53 12.25 -24.87 -14.17
N ALA A 54 11.57 -25.67 -13.38
CA ALA A 54 12.23 -26.40 -12.32
C ALA A 54 12.04 -27.85 -12.63
N GLU A 55 13.14 -28.57 -12.50
CA GLU A 55 13.14 -30.02 -12.75
C GLU A 55 13.70 -30.83 -11.60
N HIS A 56 13.12 -32.00 -11.48
CA HIS A 56 13.58 -32.94 -10.47
C HIS A 56 13.56 -34.35 -11.04
N GLU A 57 14.76 -34.92 -11.20
CA GLU A 57 14.92 -36.29 -11.64
C GLU A 57 14.29 -36.52 -13.00
N GLY A 58 14.63 -35.61 -13.91
CA GLY A 58 14.10 -35.61 -15.28
C GLY A 58 12.68 -35.11 -15.49
N ASP A 59 11.91 -34.88 -14.42
CA ASP A 59 10.55 -34.35 -14.59
C ASP A 59 10.43 -32.88 -14.29
N ILE A 60 9.65 -32.19 -15.11
CA ILE A 60 9.28 -30.80 -14.81
C ILE A 60 8.39 -30.78 -13.58
N VAL A 61 8.82 -30.06 -12.57
CA VAL A 61 8.01 -29.96 -11.36
C VAL A 61 7.60 -28.50 -11.07
N GLY A 62 8.07 -27.55 -11.89
CA GLY A 62 7.76 -26.14 -11.71
C GLY A 62 7.95 -25.31 -12.98
N PHE A 63 7.16 -24.25 -13.11
CA PHE A 63 7.22 -23.33 -14.21
C PHE A 63 6.78 -21.97 -13.69
N ILE A 64 7.49 -20.97 -14.15
CA ILE A 64 7.05 -19.61 -14.08
C ILE A 64 7.24 -18.90 -15.41
N SER A 65 6.18 -18.27 -15.87
CA SER A 65 6.21 -17.44 -17.08
C SER A 65 6.05 -15.99 -16.68
N ALA A 66 6.78 -15.14 -17.39
CA ALA A 66 6.64 -13.73 -17.18
C ALA A 66 7.09 -13.03 -18.42
N PHE A 67 6.72 -11.77 -18.53
CA PHE A 67 7.21 -10.91 -19.61
C PHE A 67 7.33 -9.52 -19.10
N ARG A 68 8.18 -8.75 -19.75
CA ARG A 68 8.27 -7.35 -19.60
C ARG A 68 7.23 -6.63 -20.33
N SER A 69 6.51 -5.79 -19.61
CA SER A 69 5.39 -5.12 -20.19
C SER A 69 5.81 -4.26 -21.40
N PRO A 70 5.24 -4.54 -22.59
CA PRO A 70 5.67 -3.75 -23.81
C PRO A 70 5.58 -2.22 -23.70
N ARG A 71 4.46 -1.69 -23.22
CA ARG A 71 4.35 -0.25 -22.94
C ARG A 71 5.28 0.28 -21.85
N ASN A 72 5.47 -0.45 -20.75
CA ASN A 72 6.20 -0.02 -19.57
CA ASN A 72 6.38 0.05 -19.64
C ASN A 72 7.24 -1.11 -19.27
N PRO A 73 8.36 -1.19 -19.96
CA PRO A 73 9.23 -2.35 -19.74
C PRO A 73 9.97 -2.41 -18.44
N GLU A 74 9.87 -1.37 -17.62
CA GLU A 74 10.36 -1.46 -16.24
C GLU A 74 9.38 -2.32 -15.39
N THR A 75 8.22 -2.71 -15.95
CA THR A 75 7.29 -3.62 -15.23
C THR A 75 7.38 -5.02 -15.76
N LEU A 76 7.70 -5.97 -14.89
CA LEU A 76 7.62 -7.39 -15.17
C LEU A 76 6.31 -7.96 -14.73
N PHE A 77 5.58 -8.55 -15.66
CA PHE A 77 4.36 -9.22 -15.33
C PHE A 77 4.58 -10.68 -15.18
N VAL A 78 4.20 -11.24 -14.04
CA VAL A 78 4.29 -12.67 -13.81
C VAL A 78 2.94 -13.25 -14.08
N TRP A 79 2.93 -14.10 -15.09
CA TRP A 79 1.76 -14.70 -15.66
C TRP A 79 1.39 -15.96 -14.93
N GLN A 80 2.15 -17.05 -15.02
CA GLN A 80 1.77 -18.27 -14.34
C GLN A 80 2.89 -18.74 -13.41
N VAL A 81 2.49 -19.33 -12.28
CA VAL A 81 3.40 -20.00 -11.39
C VAL A 81 2.77 -21.33 -11.10
N ALA A 82 3.47 -22.41 -11.41
CA ALA A 82 2.93 -23.76 -11.22
C ALA A 82 3.99 -24.60 -10.55
N VAL A 83 3.55 -25.48 -9.65
CA VAL A 83 4.39 -26.43 -8.91
C VAL A 83 3.59 -27.70 -8.87
N ALA A 84 4.17 -28.78 -9.36
CA ALA A 84 3.53 -30.09 -9.36
C ALA A 84 3.03 -30.46 -7.94
N SER A 85 1.88 -31.11 -7.87
CA SER A 85 1.32 -31.60 -6.61
C SER A 85 2.28 -32.36 -5.74
N SER A 86 3.00 -33.28 -6.35
CA SER A 86 3.96 -34.09 -5.64
C SER A 86 5.09 -33.27 -5.02
N HIS A 87 5.25 -31.96 -5.32
CA HIS A 87 6.41 -31.18 -4.79
C HIS A 87 6.06 -29.86 -4.13
N ARG A 88 4.85 -29.81 -3.63
CA ARG A 88 4.45 -28.67 -2.81
C ARG A 88 5.27 -28.55 -1.53
N ARG A 89 5.31 -27.34 -1.01
CA ARG A 89 5.85 -27.06 0.32
C ARG A 89 7.37 -27.37 0.39
N GLN A 90 8.09 -27.35 -0.74
CA GLN A 90 9.56 -27.49 -0.77
C GLN A 90 10.27 -26.23 -1.17
N GLY A 91 9.61 -25.08 -1.19
CA GLY A 91 10.24 -23.85 -1.67
C GLY A 91 10.55 -23.76 -3.19
N ILE A 92 9.93 -24.58 -4.02
CA ILE A 92 10.22 -24.46 -5.49
C ILE A 92 9.72 -23.10 -6.12
N ALA A 93 8.52 -22.69 -5.79
CA ALA A 93 7.94 -21.42 -6.24
C ALA A 93 8.79 -20.25 -5.87
N LYS A 94 9.27 -20.24 -4.64
CA LYS A 94 10.09 -19.14 -4.16
C LYS A 94 11.44 -19.14 -4.86
N ALA A 95 11.96 -20.33 -5.04
CA ALA A 95 13.23 -20.50 -5.79
C ALA A 95 13.08 -20.06 -7.31
N MET A 96 11.99 -20.44 -7.97
CA MET A 96 11.75 -19.95 -9.38
C MET A 96 11.66 -18.45 -9.39
N LEU A 97 10.90 -17.88 -8.45
CA LEU A 97 10.71 -16.44 -8.49
C LEU A 97 12.00 -15.73 -8.26
N THR A 98 12.77 -16.28 -7.31
CA THR A 98 14.06 -15.68 -6.96
C THR A 98 15.03 -15.79 -8.08
N GLY A 99 15.10 -16.97 -8.68
CA GLY A 99 15.93 -17.21 -9.89
C GLY A 99 15.56 -16.31 -11.05
N LEU A 100 14.24 -16.18 -11.29
CA LEU A 100 13.72 -15.33 -12.34
C LEU A 100 14.23 -13.93 -12.17
N MET A 101 14.13 -13.38 -10.95
CA MET A 101 14.53 -12.00 -10.72
C MET A 101 16.02 -11.76 -10.79
N ASN A 102 16.78 -12.83 -10.66
CA ASN A 102 18.22 -12.73 -10.88
C ASN A 102 18.65 -12.91 -12.31
N GLN A 103 17.73 -13.22 -13.23
CA GLN A 103 18.12 -13.36 -14.62
C GLN A 103 18.55 -12.01 -15.16
N LYS A 104 19.50 -12.04 -16.10
CA LYS A 104 19.98 -10.80 -16.70
C LYS A 104 18.86 -10.05 -17.46
N ALA A 105 17.87 -10.75 -18.02
CA ALA A 105 16.79 -10.09 -18.71
C ALA A 105 15.82 -9.30 -17.78
N CYS A 106 15.97 -9.43 -16.47
CA CYS A 106 15.17 -8.69 -15.50
C CYS A 106 15.91 -7.46 -15.00
N HIS A 107 17.01 -7.11 -15.65
CA HIS A 107 17.74 -5.94 -15.24
C HIS A 107 16.93 -4.73 -15.49
N GLY A 108 17.01 -3.82 -14.53
CA GLY A 108 16.24 -2.57 -14.57
C GLY A 108 14.72 -2.66 -14.36
N VAL A 109 14.21 -3.81 -14.01
CA VAL A 109 12.80 -3.91 -13.57
C VAL A 109 12.65 -3.12 -12.23
N ARG A 110 11.62 -2.30 -12.14
CA ARG A 110 11.27 -1.51 -11.00
C ARG A 110 9.94 -1.93 -10.34
N PHE A 111 9.11 -2.74 -10.99
CA PHE A 111 7.83 -3.24 -10.45
C PHE A 111 7.60 -4.64 -10.98
N ILE A 112 7.04 -5.51 -10.14
CA ILE A 112 6.49 -6.80 -10.54
C ILE A 112 4.98 -6.72 -10.40
N GLU A 113 4.25 -7.07 -11.46
CA GLU A 113 2.78 -7.15 -11.38
C GLU A 113 2.37 -8.55 -11.64
N THR A 114 1.31 -8.94 -11.01
CA THR A 114 0.75 -10.25 -11.19
C THR A 114 -0.68 -10.22 -10.70
N THR A 115 -1.39 -11.32 -10.91
CA THR A 115 -2.77 -11.48 -10.50
C THR A 115 -2.81 -12.80 -9.69
N VAL A 116 -3.49 -12.84 -8.55
CA VAL A 116 -3.51 -14.02 -7.69
C VAL A 116 -4.96 -14.35 -7.38
N SER A 117 -5.37 -15.53 -7.80
CA SER A 117 -6.74 -16.00 -7.46
C SER A 117 -6.90 -16.16 -5.98
N PRO A 118 -8.05 -15.75 -5.47
CA PRO A 118 -8.39 -15.90 -4.04
C PRO A 118 -7.99 -17.28 -3.52
N SER A 119 -8.34 -18.32 -4.25
CA SER A 119 -7.97 -19.71 -3.86
C SER A 119 -6.52 -20.08 -3.93
N ASN A 120 -5.74 -19.35 -4.71
CA ASN A 120 -4.35 -19.64 -4.77
C ASN A 120 -3.62 -18.98 -3.62
N MET A 121 -3.62 -19.68 -2.50
CA MET A 121 -3.05 -19.13 -1.29
C MET A 121 -1.55 -19.23 -1.27
N ALA A 122 -1.01 -20.23 -1.96
CA ALA A 122 0.46 -20.34 -2.03
C ALA A 122 1.10 -19.13 -2.77
N SER A 123 0.48 -18.75 -3.88
CA SER A 123 0.94 -17.55 -4.60
C SER A 123 0.76 -16.27 -3.85
N ARG A 124 -0.34 -16.17 -3.11
CA ARG A 124 -0.56 -14.99 -2.27
C ARG A 124 0.61 -14.85 -1.31
N ARG A 125 0.99 -15.96 -0.70
CA ARG A 125 2.13 -15.99 0.23
C ARG A 125 3.46 -15.71 -0.50
N LEU A 126 3.66 -16.35 -1.65
CA LEU A 126 4.89 -16.12 -2.46
C LEU A 126 5.13 -14.70 -2.79
N PHE A 127 4.11 -14.03 -3.33
CA PHE A 127 4.36 -12.65 -3.73
C PHE A 127 4.47 -11.65 -2.58
N LEU A 128 3.58 -11.76 -1.60
CA LEU A 128 3.69 -10.86 -0.45
C LEU A 128 4.95 -11.14 0.42
N GLY A 129 5.30 -12.41 0.54
CA GLY A 129 6.53 -12.88 1.19
C GLY A 129 7.78 -12.39 0.50
N TYR A 130 7.76 -12.37 -0.82
CA TYR A 130 8.90 -11.87 -1.54
C TYR A 130 9.16 -10.40 -1.25
N ALA A 131 8.10 -9.62 -1.35
CA ALA A 131 8.18 -8.21 -1.10
C ALA A 131 8.64 -7.91 0.35
N GLU A 132 8.08 -8.66 1.28
CA GLU A 132 8.39 -8.52 2.71
C GLU A 132 9.83 -8.75 2.93
N GLU A 133 10.34 -9.88 2.42
CA GLU A 133 11.72 -10.25 2.63
C GLU A 133 12.71 -9.29 2.06
N LYS A 134 12.38 -8.66 0.93
CA LYS A 134 13.30 -7.69 0.32
C LYS A 134 12.93 -6.30 0.77
N SER A 135 11.96 -6.14 1.65
CA SER A 135 11.52 -4.81 2.07
C SER A 135 11.14 -3.92 0.93
N ILE A 136 10.23 -4.38 0.10
CA ILE A 136 9.77 -3.61 -1.03
C ILE A 136 8.28 -3.39 -0.77
N PRO A 137 7.76 -2.24 -1.15
CA PRO A 137 6.33 -2.08 -1.02
C PRO A 137 5.47 -3.03 -1.85
N SER A 138 4.31 -3.40 -1.34
CA SER A 138 3.39 -4.18 -2.05
C SER A 138 2.03 -3.54 -1.96
N THR A 139 1.23 -3.66 -3.01
CA THR A 139 -0.06 -3.05 -3.15
C THR A 139 -0.97 -4.09 -3.78
N VAL A 140 -2.15 -4.28 -3.22
CA VAL A 140 -3.15 -5.26 -3.68
C VAL A 140 -4.39 -4.50 -4.03
N THR A 141 -4.89 -4.65 -5.25
CA THR A 141 -6.06 -3.85 -5.72
C THR A 141 -6.88 -4.78 -6.58
N VAL A 142 -8.02 -4.25 -7.00
CA VAL A 142 -8.93 -4.90 -7.91
C VAL A 142 -8.16 -5.19 -9.22
N GLY A 143 -8.29 -6.40 -9.74
CA GLY A 143 -7.60 -6.73 -11.00
C GLY A 143 -8.66 -7.03 -12.02
N TYR A 144 -8.87 -8.29 -12.41
CA TYR A 144 -9.99 -8.67 -13.27
C TYR A 144 -11.02 -9.24 -12.31
N GLY A 145 -12.27 -8.87 -12.51
CA GLY A 145 -13.41 -9.45 -11.74
C GLY A 145 -13.83 -10.76 -12.36
N ALA A 146 -14.47 -11.60 -11.56
CA ALA A 146 -15.06 -12.84 -12.00
C ALA A 146 -16.00 -12.70 -13.18
N GLU A 147 -16.72 -11.61 -13.20
CA GLU A 147 -17.69 -11.37 -14.21
C GLU A 147 -17.08 -11.11 -15.59
N MET A 148 -15.79 -10.87 -15.70
CA MET A 148 -15.17 -10.69 -17.03
C MET A 148 -15.03 -12.01 -17.80
N PHE A 149 -15.12 -13.15 -17.11
CA PHE A 149 -14.86 -14.45 -17.61
C PHE A 149 -16.11 -15.00 -18.28
N PRO A 150 -15.95 -16.02 -19.12
CA PRO A 150 -17.05 -16.52 -19.93
C PRO A 150 -18.19 -17.08 -19.13
N ASP A 151 -19.36 -16.88 -19.68
CA ASP A 151 -20.62 -17.28 -19.06
C ASP A 151 -20.69 -18.64 -18.40
N GLY A 152 -20.28 -19.68 -19.08
CA GLY A 152 -20.36 -21.00 -18.50
C GLY A 152 -19.39 -21.16 -17.36
N THR A 153 -18.13 -20.93 -17.67
CA THR A 153 -17.04 -21.03 -16.72
C THR A 153 -17.40 -20.49 -15.37
N THR A 154 -16.66 -20.93 -14.37
CA THR A 154 -16.87 -20.49 -13.02
C THR A 154 -15.56 -19.96 -12.42
N HIS A 155 -15.01 -18.94 -13.03
CA HIS A 155 -13.77 -18.36 -12.61
C HIS A 155 -13.86 -17.38 -11.45
N GLU A 156 -12.83 -17.34 -10.63
CA GLU A 156 -12.70 -16.40 -9.53
C GLU A 156 -12.25 -15.07 -10.06
N ASP A 157 -12.33 -14.06 -9.21
CA ASP A 157 -11.58 -12.81 -9.40
C ASP A 157 -10.06 -13.06 -9.57
N GLU A 158 -9.40 -12.08 -10.17
CA GLU A 158 -7.96 -12.02 -10.33
C GLU A 158 -7.48 -10.67 -9.81
N PRO A 159 -7.42 -10.52 -8.49
CA PRO A 159 -6.91 -9.28 -7.92
C PRO A 159 -5.45 -9.00 -8.34
N LEU A 160 -5.11 -7.72 -8.60
CA LEU A 160 -3.75 -7.28 -8.95
C LEU A 160 -2.81 -7.07 -7.76
N PHE A 161 -1.67 -7.74 -7.77
CA PHE A 161 -0.60 -7.51 -6.82
C PHE A 161 0.50 -6.75 -7.50
N VAL A 162 0.89 -5.59 -6.97
CA VAL A 162 2.03 -4.81 -7.50
C VAL A 162 3.10 -4.75 -6.42
N ILE A 163 4.30 -5.17 -6.77
CA ILE A 163 5.46 -5.13 -5.92
C ILE A 163 6.38 -4.07 -6.45
N GLY A 164 6.63 -3.04 -5.63
CA GLY A 164 7.55 -1.98 -5.96
C GLY A 164 7.00 -0.64 -5.59
N PRO A 165 7.71 0.43 -5.93
CA PRO A 165 8.96 0.43 -6.69
C PRO A 165 10.18 -0.11 -5.99
N PHE A 166 11.03 -0.79 -6.75
CA PHE A 166 12.35 -1.18 -6.33
C PHE A 166 13.27 -1.03 -7.56
N PHE A 167 14.51 -1.44 -7.43
CA PHE A 167 15.41 -1.44 -8.56
C PHE A 167 16.15 -2.75 -8.60
N ASN A 168 15.80 -3.60 -9.55
CA ASN A 168 16.42 -4.89 -9.77
C ASN A 168 17.75 -4.75 -10.56
N ASP A 169 18.83 -4.77 -9.82
CA ASP A 169 20.14 -4.47 -10.36
C ASP A 169 20.84 -5.79 -10.75
N ILE A 170 21.21 -5.88 -12.03
CA ILE A 170 21.21 -7.14 -12.84
C ILE A 170 20.50 -8.31 -12.11
N THR B 7 1.94 -7.44 34.06
CA THR B 7 0.47 -7.74 34.05
C THR B 7 -0.10 -7.61 32.63
N GLU B 8 -1.11 -8.39 32.32
CA GLU B 8 -1.36 -8.69 30.91
C GLU B 8 -2.52 -7.92 30.28
N VAL B 9 -2.58 -8.08 28.97
CA VAL B 9 -3.61 -7.52 28.17
C VAL B 9 -4.79 -8.43 28.31
N VAL B 10 -5.96 -7.90 28.65
CA VAL B 10 -7.16 -8.73 28.72
C VAL B 10 -8.06 -8.38 27.53
N TYR B 11 -8.73 -9.40 27.04
CA TYR B 11 -9.60 -9.25 25.92
C TYR B 11 -11.00 -9.54 26.38
N ARG B 12 -11.95 -8.68 26.05
CA ARG B 12 -13.35 -8.86 26.42
C ARG B 12 -14.26 -8.06 25.45
N ARG B 13 -15.56 -8.31 25.48
CA ARG B 13 -16.49 -7.42 24.83
C ARG B 13 -16.53 -6.07 25.47
N PRO B 14 -16.81 -5.05 24.66
CA PRO B 14 -17.01 -3.72 25.17
C PRO B 14 -18.35 -3.64 25.84
N GLU B 15 -18.53 -2.59 26.63
CA GLU B 15 -19.82 -2.25 27.19
C GLU B 15 -20.02 -0.81 26.83
N ALA B 16 -21.24 -0.34 26.96
CA ALA B 16 -21.57 1.05 26.67
C ALA B 16 -20.66 2.04 27.41
N ARG B 17 -20.30 1.74 28.66
CA ARG B 17 -19.46 2.64 29.44
C ARG B 17 -18.02 2.73 28.86
N ASP B 18 -17.59 1.83 27.95
CA ASP B 18 -16.29 2.00 27.27
C ASP B 18 -16.29 3.03 26.15
N GLY B 19 -17.46 3.54 25.81
CA GLY B 19 -17.57 4.32 24.58
C GLY B 19 -16.66 5.53 24.52
N THR B 20 -16.59 6.29 25.59
CA THR B 20 -15.68 7.46 25.61
C THR B 20 -14.20 7.08 25.41
N ARG B 21 -13.75 6.00 26.03
CA ARG B 21 -12.35 5.61 25.94
C ARG B 21 -12.08 5.03 24.59
N VAL B 22 -13.06 4.35 24.00
CA VAL B 22 -12.91 3.87 22.62
C VAL B 22 -12.82 5.08 21.73
N TRP B 23 -13.67 6.06 22.01
CA TRP B 23 -13.72 7.22 21.14
C TRP B 23 -12.36 7.95 21.19
N GLU B 24 -11.79 8.04 22.36
CA GLU B 24 -10.50 8.75 22.51
C GLU B 24 -9.38 8.01 21.82
N LEU B 25 -9.41 6.67 21.89
CA LEU B 25 -8.45 5.84 21.22
C LEU B 25 -8.52 6.10 19.73
N ILE B 26 -9.73 6.14 19.15
CA ILE B 26 -9.82 6.35 17.73
C ILE B 26 -9.44 7.80 17.39
N ARG B 27 -9.79 8.72 18.26
CA ARG B 27 -9.49 10.12 18.08
C ARG B 27 -7.98 10.33 18.01
N ASP B 28 -7.21 9.71 18.90
CA ASP B 28 -5.76 9.88 18.96
C ASP B 28 -5.00 9.45 17.67
N THR B 29 -5.59 8.57 16.91
CA THR B 29 -5.18 8.15 15.58
C THR B 29 -5.22 9.22 14.46
N GLY B 30 -6.08 10.22 14.66
CA GLY B 30 -6.42 11.22 13.62
C GLY B 30 -7.27 10.75 12.46
N SER B 31 -7.81 9.52 12.56
CA SER B 31 -8.72 8.93 11.56
C SER B 31 -9.77 9.96 11.17
N LEU B 32 -10.01 10.05 9.90
CA LEU B 32 -11.08 10.86 9.38
C LEU B 32 -12.46 10.21 9.62
N ASP B 33 -12.48 8.96 10.04
CA ASP B 33 -13.68 8.19 10.21
C ASP B 33 -14.12 8.06 11.69
N LEU B 34 -13.59 8.92 12.55
CA LEU B 34 -14.00 9.04 13.92
C LEU B 34 -15.53 9.29 14.01
N ASN B 35 -16.23 8.46 14.74
CA ASN B 35 -17.64 8.73 14.93
C ASN B 35 -17.87 9.49 16.26
N SER B 36 -19.13 9.73 16.57
CA SER B 36 -19.50 10.39 17.83
C SER B 36 -19.26 9.43 18.97
N PRO B 37 -18.97 9.95 20.16
CA PRO B 37 -18.91 9.10 21.31
C PRO B 37 -20.14 8.27 21.49
N TYR B 38 -21.30 8.87 21.20
CA TYR B 38 -22.56 8.14 21.26
C TYR B 38 -22.50 6.88 20.40
N CYS B 39 -21.93 6.96 19.22
CA CYS B 39 -21.84 5.77 18.38
C CYS B 39 -21.05 4.66 19.07
N TYR B 40 -19.95 4.99 19.71
CA TYR B 40 -19.19 3.92 20.35
C TYR B 40 -19.92 3.30 21.59
N MET B 41 -20.76 4.09 22.21
CA MET B 41 -21.66 3.63 23.28
C MET B 41 -22.69 2.67 22.73
N LEU B 42 -23.27 2.97 21.55
CA LEU B 42 -24.17 2.06 20.93
C LEU B 42 -23.50 0.79 20.60
N LEU B 43 -22.28 0.87 20.07
CA LEU B 43 -21.63 -0.37 19.69
C LEU B 43 -21.40 -1.23 20.94
N GLY B 44 -20.95 -0.59 22.00
CA GLY B 44 -20.72 -1.32 23.25
C GLY B 44 -21.98 -1.86 23.84
N ASP B 45 -23.11 -1.26 23.52
CA ASP B 45 -24.39 -1.69 24.06
C ASP B 45 -25.11 -2.74 23.21
N TYR B 46 -25.36 -2.41 21.96
CA TYR B 46 -26.14 -3.27 21.13
C TYR B 46 -25.33 -4.25 20.29
N PHE B 47 -24.10 -3.88 19.89
CA PHE B 47 -23.29 -4.70 18.99
C PHE B 47 -22.17 -5.40 19.69
N ASN B 48 -22.23 -5.43 21.01
CA ASN B 48 -21.05 -5.83 21.76
C ASN B 48 -20.65 -7.29 21.55
N ASP B 49 -21.59 -8.13 21.13
CA ASP B 49 -21.26 -9.54 20.90
C ASP B 49 -20.35 -9.70 19.69
N THR B 50 -20.32 -8.73 18.78
CA THR B 50 -19.45 -8.85 17.61
C THR B 50 -18.38 -7.75 17.64
N CYS B 51 -18.08 -7.23 18.84
CA CYS B 51 -17.03 -6.28 19.02
C CYS B 51 -15.96 -6.82 20.01
N MET B 52 -14.83 -6.13 20.08
CA MET B 52 -13.71 -6.56 20.93
C MET B 52 -12.93 -5.39 21.49
N ILE B 53 -12.48 -5.55 22.75
CA ILE B 53 -11.62 -4.60 23.44
C ILE B 53 -10.40 -5.33 23.94
N ALA B 54 -9.26 -4.65 23.90
CA ALA B 54 -8.07 -5.09 24.58
C ALA B 54 -7.84 -4.01 25.65
N GLU B 55 -7.67 -4.45 26.88
CA GLU B 55 -7.50 -3.51 27.98
C GLU B 55 -6.19 -3.86 28.73
N HIS B 56 -5.48 -2.83 29.17
CA HIS B 56 -4.26 -3.05 29.87
C HIS B 56 -4.04 -1.94 30.86
N GLU B 57 -3.92 -2.32 32.13
CA GLU B 57 -3.69 -1.40 33.24
C GLU B 57 -4.71 -0.31 33.28
N GLY B 58 -5.96 -0.70 33.14
CA GLY B 58 -7.03 0.23 33.13
C GLY B 58 -7.20 1.01 31.86
N ASP B 59 -6.34 0.82 30.85
CA ASP B 59 -6.50 1.57 29.62
C ASP B 59 -7.08 0.69 28.51
N ILE B 60 -7.92 1.31 27.69
CA ILE B 60 -8.35 0.64 26.47
C ILE B 60 -7.19 0.75 25.54
N VAL B 61 -6.61 -0.37 25.11
CA VAL B 61 -5.51 -0.24 24.20
C VAL B 61 -5.80 -0.83 22.80
N GLY B 62 -6.92 -1.49 22.64
CA GLY B 62 -7.34 -1.98 21.36
C GLY B 62 -8.85 -2.05 21.27
N PHE B 63 -9.35 -1.95 20.05
CA PHE B 63 -10.78 -2.05 19.78
C PHE B 63 -10.98 -2.56 18.38
N ILE B 64 -11.94 -3.45 18.23
CA ILE B 64 -12.54 -3.70 16.94
C ILE B 64 -14.06 -3.56 17.01
N SER B 65 -14.65 -2.81 16.07
CA SER B 65 -16.09 -2.82 15.89
C SER B 65 -16.46 -3.70 14.68
N ALA B 66 -17.46 -4.53 14.88
CA ALA B 66 -18.01 -5.31 13.77
C ALA B 66 -19.47 -5.61 13.98
N PHE B 67 -20.12 -6.05 12.91
CA PHE B 67 -21.54 -6.44 12.97
C PHE B 67 -21.81 -7.49 11.92
N ARG B 68 -22.74 -8.39 12.19
CA ARG B 68 -23.29 -9.26 11.11
C ARG B 68 -24.24 -8.52 10.19
N SER B 69 -24.00 -8.63 8.89
CA SER B 69 -24.81 -7.89 7.93
C SER B 69 -26.26 -8.33 8.09
N PRO B 70 -27.19 -7.39 8.33
CA PRO B 70 -28.65 -7.77 8.49
C PRO B 70 -29.22 -8.54 7.29
N ARG B 71 -28.96 -8.11 6.05
CA ARG B 71 -29.34 -8.95 4.86
C ARG B 71 -28.55 -10.22 4.66
N ASN B 72 -27.29 -10.30 5.07
CA ASN B 72 -26.47 -11.45 4.79
C ASN B 72 -25.72 -11.84 6.03
N PRO B 73 -26.40 -12.48 6.96
CA PRO B 73 -25.86 -12.74 8.30
C PRO B 73 -24.63 -13.62 8.40
N GLU B 74 -24.32 -14.29 7.31
CA GLU B 74 -23.10 -15.10 7.24
C GLU B 74 -21.89 -14.20 6.98
N THR B 75 -22.11 -12.92 6.70
CA THR B 75 -21.02 -11.97 6.54
C THR B 75 -20.91 -11.14 7.79
N LEU B 76 -19.73 -11.15 8.37
CA LEU B 76 -19.28 -10.16 9.34
C LEU B 76 -18.54 -8.98 8.70
N PHE B 77 -19.10 -7.80 8.89
CA PHE B 77 -18.44 -6.59 8.47
C PHE B 77 -17.60 -6.02 9.59
N VAL B 78 -16.30 -5.88 9.36
CA VAL B 78 -15.40 -5.26 10.31
C VAL B 78 -15.18 -3.81 9.95
N TRP B 79 -15.66 -2.98 10.88
CA TRP B 79 -15.79 -1.57 10.68
C TRP B 79 -14.51 -0.84 11.11
N GLN B 80 -14.13 -0.84 12.37
CA GLN B 80 -12.90 -0.12 12.76
C GLN B 80 -12.02 -1.05 13.55
N VAL B 81 -10.72 -0.83 13.42
CA VAL B 81 -9.68 -1.54 14.16
C VAL B 81 -8.71 -0.50 14.61
N ALA B 82 -8.45 -0.40 15.91
CA ALA B 82 -7.49 0.54 16.44
C ALA B 82 -6.66 -0.09 17.57
N VAL B 83 -5.35 0.22 17.59
CA VAL B 83 -4.46 -0.13 18.67
C VAL B 83 -3.76 1.13 19.14
N ALA B 84 -3.74 1.35 20.43
CA ALA B 84 -3.04 2.49 21.00
C ALA B 84 -1.56 2.49 20.57
N SER B 85 -1.02 3.67 20.29
CA SER B 85 0.36 3.81 19.84
C SER B 85 1.40 3.30 20.86
N SER B 86 1.04 3.31 22.13
CA SER B 86 1.91 2.74 23.18
C SER B 86 1.90 1.24 23.17
N HIS B 87 0.98 0.60 22.44
CA HIS B 87 0.95 -0.84 22.41
C HIS B 87 1.05 -1.52 21.07
N ARG B 88 1.73 -0.88 20.14
CA ARG B 88 1.87 -1.43 18.79
C ARG B 88 2.91 -2.53 18.78
N ARG B 89 2.81 -3.45 17.82
CA ARG B 89 3.87 -4.42 17.51
C ARG B 89 3.88 -5.45 18.60
N GLN B 90 2.74 -5.68 19.26
CA GLN B 90 2.62 -6.68 20.30
C GLN B 90 1.62 -7.74 19.92
N GLY B 91 1.14 -7.76 18.69
CA GLY B 91 0.13 -8.78 18.32
C GLY B 91 -1.31 -8.50 18.81
N ILE B 92 -1.58 -7.32 19.37
CA ILE B 92 -2.95 -7.00 19.84
C ILE B 92 -4.06 -7.08 18.78
N ALA B 93 -3.83 -6.48 17.61
CA ALA B 93 -4.85 -6.46 16.51
C ALA B 93 -5.19 -7.87 16.13
N LYS B 94 -4.16 -8.69 15.97
CA LYS B 94 -4.31 -10.08 15.55
C LYS B 94 -4.98 -10.90 16.64
N ALA B 95 -4.59 -10.66 17.88
CA ALA B 95 -5.29 -11.30 18.99
C ALA B 95 -6.79 -10.87 19.05
N MET B 96 -7.08 -9.59 18.88
CA MET B 96 -8.50 -9.12 18.93
C MET B 96 -9.28 -9.80 17.83
N LEU B 97 -8.67 -9.88 16.62
CA LEU B 97 -9.39 -10.40 15.49
C LEU B 97 -9.66 -11.91 15.63
N THR B 98 -8.63 -12.63 16.05
CA THR B 98 -8.79 -14.06 16.28
C THR B 98 -9.82 -14.34 17.38
N GLY B 99 -9.72 -13.56 18.45
CA GLY B 99 -10.65 -13.67 19.53
C GLY B 99 -12.07 -13.47 19.05
N LEU B 100 -12.27 -12.40 18.28
CA LEU B 100 -13.56 -12.08 17.75
C LEU B 100 -14.15 -13.19 16.95
N MET B 101 -13.34 -13.81 16.09
CA MET B 101 -13.86 -14.84 15.22
C MET B 101 -14.13 -16.14 15.93
N ASN B 102 -13.54 -16.33 17.09
CA ASN B 102 -13.86 -17.49 17.96
C ASN B 102 -15.05 -17.20 18.84
N GLN B 103 -15.69 -16.02 18.82
CA GLN B 103 -16.82 -15.81 19.73
C GLN B 103 -18.04 -16.53 19.23
N LYS B 104 -18.88 -16.89 20.19
CA LYS B 104 -20.13 -17.56 19.90
C LYS B 104 -20.95 -16.81 18.87
N ALA B 105 -21.02 -15.50 18.97
CA ALA B 105 -21.81 -14.74 18.02
C ALA B 105 -21.20 -14.76 16.60
N CYS B 106 -19.95 -15.19 16.45
CA CYS B 106 -19.36 -15.39 15.13
C CYS B 106 -19.43 -16.83 14.58
N HIS B 107 -20.13 -17.70 15.30
CA HIS B 107 -20.47 -19.00 14.79
C HIS B 107 -21.33 -18.86 13.55
N GLY B 108 -20.93 -19.55 12.50
CA GLY B 108 -21.65 -19.44 11.25
C GLY B 108 -21.21 -18.30 10.34
N VAL B 109 -20.28 -17.46 10.77
CA VAL B 109 -19.80 -16.41 9.87
C VAL B 109 -18.98 -17.14 8.81
N ARG B 110 -19.30 -16.86 7.56
CA ARG B 110 -18.64 -17.47 6.41
C ARG B 110 -17.65 -16.52 5.74
N PHE B 111 -17.91 -15.20 5.82
CA PHE B 111 -17.02 -14.22 5.25
C PHE B 111 -16.83 -13.09 6.22
N ILE B 112 -15.62 -12.56 6.19
CA ILE B 112 -15.36 -11.16 6.60
C ILE B 112 -15.31 -10.14 5.47
N GLU B 113 -16.04 -9.03 5.60
CA GLU B 113 -15.90 -7.89 4.70
C GLU B 113 -15.34 -6.75 5.50
N THR B 114 -14.42 -6.01 4.90
CA THR B 114 -13.87 -4.86 5.54
C THR B 114 -13.28 -3.98 4.47
N THR B 115 -13.18 -2.72 4.73
CA THR B 115 -12.65 -1.77 3.79
C THR B 115 -11.24 -1.41 4.27
N VAL B 116 -10.25 -1.33 3.37
CA VAL B 116 -8.86 -1.07 3.79
C VAL B 116 -8.24 -0.06 2.81
N SER B 117 -7.94 1.12 3.28
CA SER B 117 -7.38 2.15 2.42
C SER B 117 -5.90 1.84 2.18
N PRO B 118 -5.37 2.38 1.10
CA PRO B 118 -3.98 2.07 0.73
C PRO B 118 -2.98 2.35 1.84
N SER B 119 -3.16 3.47 2.53
CA SER B 119 -2.35 3.86 3.65
C SER B 119 -2.46 2.97 4.80
N ASN B 120 -3.55 2.23 4.91
CA ASN B 120 -3.74 1.44 6.13
C ASN B 120 -3.04 0.10 6.08
N MET B 121 -1.72 0.13 6.19
CA MET B 121 -0.90 -1.10 6.05
C MET B 121 -1.21 -2.10 7.14
N ALA B 122 -1.40 -1.55 8.34
CA ALA B 122 -1.55 -2.42 9.53
C ALA B 122 -2.79 -3.24 9.37
N SER B 123 -3.87 -2.62 8.93
CA SER B 123 -5.05 -3.38 8.62
C SER B 123 -4.89 -4.39 7.46
N ARG B 124 -4.20 -3.99 6.41
CA ARG B 124 -3.90 -4.89 5.26
CA ARG B 124 -3.98 -4.95 5.29
C ARG B 124 -3.23 -6.15 5.80
N ARG B 125 -2.21 -5.91 6.61
CA ARG B 125 -1.42 -7.00 7.20
C ARG B 125 -2.24 -7.82 8.19
N LEU B 126 -3.11 -7.16 8.93
CA LEU B 126 -3.96 -7.92 9.86
C LEU B 126 -4.83 -8.88 9.09
N PHE B 127 -5.56 -8.37 8.10
CA PHE B 127 -6.57 -9.22 7.42
C PHE B 127 -5.96 -10.30 6.49
N LEU B 128 -4.98 -9.87 5.71
CA LEU B 128 -4.25 -10.84 4.85
C LEU B 128 -3.41 -11.81 5.72
N GLY B 129 -2.84 -11.34 6.81
CA GLY B 129 -2.14 -12.22 7.78
C GLY B 129 -3.07 -13.23 8.38
N TYR B 130 -4.29 -12.81 8.72
CA TYR B 130 -5.23 -13.75 9.27
C TYR B 130 -5.67 -14.75 8.17
N ALA B 131 -6.00 -14.27 6.97
CA ALA B 131 -6.37 -15.24 5.88
C ALA B 131 -5.26 -16.32 5.60
N GLU B 132 -4.00 -15.91 5.67
CA GLU B 132 -2.86 -16.74 5.42
C GLU B 132 -2.79 -17.77 6.55
N GLU B 133 -2.78 -17.26 7.78
CA GLU B 133 -2.81 -18.05 8.99
C GLU B 133 -3.85 -19.13 8.93
N LYS B 134 -5.05 -18.82 8.47
CA LYS B 134 -6.13 -19.79 8.45
C LYS B 134 -6.34 -20.44 7.12
N SER B 135 -5.46 -20.18 6.14
CA SER B 135 -5.73 -20.64 4.77
C SER B 135 -7.10 -20.38 4.32
N ILE B 136 -7.48 -19.13 4.28
CA ILE B 136 -8.78 -18.74 3.72
C ILE B 136 -8.53 -17.92 2.45
N PRO B 137 -9.37 -18.04 1.43
CA PRO B 137 -9.23 -17.14 0.27
C PRO B 137 -9.46 -15.64 0.57
N SER B 138 -8.88 -14.76 -0.22
CA SER B 138 -9.13 -13.34 -0.09
C SER B 138 -9.28 -12.75 -1.47
N THR B 139 -10.14 -11.76 -1.62
CA THR B 139 -10.20 -10.95 -2.77
C THR B 139 -10.37 -9.49 -2.40
N VAL B 140 -10.23 -8.62 -3.39
CA VAL B 140 -10.49 -7.19 -3.21
C VAL B 140 -11.47 -6.75 -4.28
N THR B 141 -12.45 -5.96 -3.88
CA THR B 141 -13.44 -5.48 -4.81
CA THR B 141 -13.48 -5.49 -4.80
C THR B 141 -13.66 -3.98 -4.58
N VAL B 142 -14.48 -3.38 -5.37
CA VAL B 142 -14.73 -1.96 -5.24
C VAL B 142 -15.50 -1.77 -3.88
N GLY B 143 -15.09 -0.76 -3.15
CA GLY B 143 -15.72 -0.42 -1.92
C GLY B 143 -16.23 0.99 -2.10
N TYR B 144 -15.76 1.91 -1.27
CA TYR B 144 -16.17 3.30 -1.34
C TYR B 144 -15.00 4.15 -1.88
N GLY B 145 -15.14 4.66 -3.08
CA GLY B 145 -14.08 5.48 -3.66
C GLY B 145 -14.05 6.82 -3.00
N ALA B 146 -12.87 7.43 -3.06
CA ALA B 146 -12.60 8.78 -2.58
C ALA B 146 -13.64 9.77 -2.99
N GLU B 147 -14.17 9.57 -4.19
CA GLU B 147 -15.19 10.46 -4.73
C GLU B 147 -16.53 10.39 -3.98
N MET B 148 -16.76 9.34 -3.19
CA MET B 148 -18.03 9.34 -2.41
C MET B 148 -18.04 10.26 -1.23
N PHE B 149 -16.87 10.78 -0.81
CA PHE B 149 -16.78 11.50 0.43
C PHE B 149 -17.10 12.98 0.20
N PRO B 150 -17.36 13.75 1.25
CA PRO B 150 -17.78 15.14 1.07
C PRO B 150 -16.79 16.07 0.38
N ASP B 151 -17.33 17.11 -0.29
CA ASP B 151 -16.47 18.16 -0.91
C ASP B 151 -15.49 18.80 0.06
N GLY B 152 -14.24 18.91 -0.38
CA GLY B 152 -13.17 19.38 0.47
C GLY B 152 -12.84 18.48 1.67
N THR B 153 -13.23 17.22 1.61
CA THR B 153 -12.53 16.15 2.33
C THR B 153 -11.64 15.58 1.23
N THR B 154 -10.42 15.18 1.58
CA THR B 154 -9.79 14.19 0.72
C THR B 154 -9.45 12.97 1.54
N HIS B 155 -10.35 12.05 1.27
CA HIS B 155 -10.37 10.78 1.91
C HIS B 155 -9.74 9.82 0.90
N GLU B 156 -8.99 8.87 1.39
CA GLU B 156 -8.56 7.76 0.54
C GLU B 156 -9.71 6.89 0.03
N ASP B 157 -9.47 6.15 -1.05
CA ASP B 157 -10.30 5.04 -1.44
C ASP B 157 -10.38 3.99 -0.32
N GLU B 158 -11.53 3.31 -0.27
CA GLU B 158 -11.81 2.29 0.69
C GLU B 158 -12.25 1.07 -0.07
N PRO B 159 -11.30 0.43 -0.70
CA PRO B 159 -11.67 -0.81 -1.35
C PRO B 159 -12.05 -1.87 -0.36
N LEU B 160 -12.91 -2.78 -0.78
CA LEU B 160 -13.48 -3.81 0.06
C LEU B 160 -12.70 -5.10 -0.04
N PHE B 161 -12.14 -5.52 1.07
CA PHE B 161 -11.49 -6.81 1.18
C PHE B 161 -12.58 -7.77 1.65
N VAL B 162 -12.60 -8.96 1.05
CA VAL B 162 -13.59 -10.00 1.34
C VAL B 162 -12.76 -11.21 1.63
N ILE B 163 -12.82 -11.69 2.86
CA ILE B 163 -12.11 -12.88 3.28
C ILE B 163 -13.08 -14.00 3.56
N GLY B 164 -12.93 -15.07 2.79
CA GLY B 164 -13.72 -16.28 2.97
C GLY B 164 -13.88 -16.96 1.61
N PRO B 165 -14.61 -18.05 1.53
CA PRO B 165 -15.35 -18.67 2.62
C PRO B 165 -14.50 -19.30 3.67
N PHE B 166 -14.95 -19.16 4.92
CA PHE B 166 -14.36 -19.76 6.12
C PHE B 166 -14.79 -21.22 6.31
N PHE B 167 -15.88 -21.65 5.70
CA PHE B 167 -16.19 -23.08 5.69
C PHE B 167 -17.04 -23.52 4.46
N ASN B 168 -17.12 -24.86 4.27
CA ASN B 168 -17.96 -25.63 3.27
C ASN B 168 -17.96 -25.09 1.84
N ALA C 2 -9.69 35.23 -16.05
CA ALA C 2 -8.30 35.14 -15.50
C ALA C 2 -7.73 36.58 -15.38
N VAL C 3 -8.43 37.39 -14.56
CA VAL C 3 -8.09 38.81 -14.36
C VAL C 3 -6.68 38.97 -13.72
N ASP C 4 -5.79 39.67 -14.43
CA ASP C 4 -4.47 40.01 -13.91
C ASP C 4 -4.45 41.38 -13.17
N THR C 5 -4.51 41.33 -11.86
CA THR C 5 -4.57 42.47 -11.02
C THR C 5 -3.20 42.95 -10.57
N GLY C 6 -2.13 42.30 -11.02
CA GLY C 6 -0.80 42.57 -10.50
C GLY C 6 -0.62 42.19 -9.05
N THR C 7 -1.56 41.53 -8.40
CA THR C 7 -1.36 41.29 -6.96
C THR C 7 -1.38 39.77 -6.71
N GLU C 8 -1.08 38.99 -7.74
CA GLU C 8 -1.15 37.56 -7.61
C GLU C 8 -0.02 37.06 -6.68
N VAL C 9 -0.23 35.86 -6.16
CA VAL C 9 0.79 35.13 -5.41
C VAL C 9 2.04 34.97 -6.25
N VAL C 10 3.18 35.20 -5.62
CA VAL C 10 4.50 35.06 -6.23
C VAL C 10 5.31 33.97 -5.47
N TYR C 11 6.18 33.30 -6.22
CA TYR C 11 6.95 32.15 -5.78
C TYR C 11 8.39 32.43 -5.94
N ARG C 12 9.23 32.01 -4.96
CA ARG C 12 10.72 32.18 -5.00
C ARG C 12 11.37 31.18 -4.02
N ARG C 13 12.64 30.93 -4.24
CA ARG C 13 13.41 30.17 -3.26
C ARG C 13 13.51 30.95 -1.93
N PRO C 14 13.47 30.25 -0.80
CA PRO C 14 13.74 30.95 0.47
C PRO C 14 15.22 31.30 0.60
N GLU C 15 15.51 32.23 1.51
CA GLU C 15 16.90 32.50 1.91
CA GLU C 15 16.87 32.62 1.94
C GLU C 15 16.89 32.43 3.44
N ALA C 16 18.06 32.44 4.05
CA ALA C 16 18.17 32.30 5.50
C ALA C 16 17.34 33.31 6.30
N ARG C 17 17.37 34.55 5.81
CA ARG C 17 16.62 35.65 6.48
C ARG C 17 15.12 35.40 6.48
N ASP C 18 14.63 34.49 5.64
CA ASP C 18 13.19 34.07 5.75
C ASP C 18 12.87 33.13 6.90
N GLY C 19 13.90 32.64 7.58
CA GLY C 19 13.69 31.60 8.59
C GLY C 19 12.62 31.88 9.59
N THR C 20 12.66 33.08 10.16
CA THR C 20 11.70 33.44 11.20
C THR C 20 10.26 33.54 10.66
N ARG C 21 10.07 34.13 9.48
CA ARG C 21 8.70 34.24 8.93
C ARG C 21 8.21 32.86 8.46
N VAL C 22 9.12 32.02 7.93
CA VAL C 22 8.69 30.63 7.67
C VAL C 22 8.31 29.96 8.97
N TRP C 23 9.16 30.07 10.01
CA TRP C 23 8.79 29.46 11.31
C TRP C 23 7.36 29.93 11.78
N GLU C 24 7.12 31.22 11.67
CA GLU C 24 5.79 31.78 12.09
C GLU C 24 4.66 31.17 11.33
N LEU C 25 4.84 31.09 10.02
CA LEU C 25 3.84 30.41 9.18
C LEU C 25 3.58 28.96 9.66
N ILE C 26 4.66 28.17 9.87
CA ILE C 26 4.49 26.78 10.30
C ILE C 26 3.78 26.83 11.64
N ARG C 27 4.25 27.67 12.55
CA ARG C 27 3.60 27.74 13.86
C ARG C 27 2.09 28.02 13.79
N ASP C 28 1.70 28.99 12.95
CA ASP C 28 0.33 29.44 12.86
C ASP C 28 -0.55 28.43 12.17
N THR C 29 -0.01 27.45 11.46
CA THR C 29 -0.86 26.39 10.96
C THR C 29 -1.43 25.53 12.06
N GLY C 30 -0.77 25.40 13.21
CA GLY C 30 -1.27 24.50 14.28
C GLY C 30 -1.05 23.02 13.99
N SER C 31 -1.45 22.57 12.80
CA SER C 31 -1.30 21.18 12.34
C SER C 31 0.10 20.60 11.91
N LEU C 32 1.07 21.42 11.52
CA LEU C 32 2.42 20.90 11.23
C LEU C 32 3.23 20.79 12.53
N ASP C 33 4.18 19.85 12.58
CA ASP C 33 5.19 19.73 13.69
C ASP C 33 6.18 20.92 13.56
N LEU C 34 6.27 21.77 14.55
CA LEU C 34 7.10 22.95 14.44
C LEU C 34 8.62 22.63 14.76
N ASN C 35 9.52 22.91 13.82
CA ASN C 35 10.92 22.81 14.05
C ASN C 35 11.42 24.15 14.58
N SER C 36 12.68 24.22 14.99
CA SER C 36 13.21 25.49 15.50
C SER C 36 13.36 26.56 14.39
N PRO C 37 13.37 27.85 14.75
CA PRO C 37 13.63 28.86 13.77
C PRO C 37 14.99 28.63 13.08
N TYR C 38 15.98 28.15 13.84
CA TYR C 38 17.28 27.86 13.29
C TYR C 38 17.18 26.85 12.10
N CYS C 39 16.40 25.81 12.30
CA CYS C 39 16.15 24.86 11.25
C CYS C 39 15.66 25.55 9.98
N TYR C 40 14.70 26.45 10.10
CA TYR C 40 14.17 27.14 8.86
C TYR C 40 15.17 28.09 8.23
N MET C 41 16.05 28.65 9.04
CA MET C 41 17.20 29.41 8.53
C MET C 41 18.12 28.52 7.75
N LEU C 42 18.47 27.38 8.31
CA LEU C 42 19.33 26.45 7.58
C LEU C 42 18.75 25.97 6.27
N LEU C 43 17.47 25.70 6.26
CA LEU C 43 16.81 25.29 5.03
C LEU C 43 16.93 26.44 4.01
N GLY C 44 16.64 27.64 4.46
CA GLY C 44 16.79 28.82 3.61
C GLY C 44 18.20 29.04 3.07
N ASP C 45 19.18 28.63 3.87
CA ASP C 45 20.56 28.84 3.54
C ASP C 45 21.20 27.72 2.76
N TYR C 46 20.99 26.45 3.13
CA TYR C 46 21.75 25.36 2.49
C TYR C 46 20.91 24.53 1.51
N PHE C 47 19.59 24.53 1.73
CA PHE C 47 18.66 23.67 1.01
C PHE C 47 17.73 24.46 0.08
N ASN C 48 18.07 25.74 -0.12
CA ASN C 48 17.08 26.60 -0.73
C ASN C 48 16.79 26.27 -2.22
N ASP C 49 17.71 25.61 -2.89
CA ASP C 49 17.40 25.11 -4.23
C ASP C 49 16.26 24.13 -4.32
N THR C 50 15.94 23.42 -3.22
CA THR C 50 14.84 22.47 -3.20
C THR C 50 13.79 22.89 -2.28
N CYS C 51 13.68 24.19 -2.00
CA CYS C 51 12.60 24.69 -1.18
C CYS C 51 11.88 25.80 -1.94
N MET C 52 10.75 26.23 -1.44
CA MET C 52 9.98 27.22 -2.16
C MET C 52 9.18 28.02 -1.15
N ILE C 53 9.00 29.31 -1.46
CA ILE C 53 8.18 30.22 -0.71
C ILE C 53 7.10 30.81 -1.63
N ALA C 54 5.92 31.03 -1.08
CA ALA C 54 4.84 31.77 -1.73
C ALA C 54 4.56 33.02 -0.91
N GLU C 55 4.51 34.13 -1.61
CA GLU C 55 4.27 35.40 -1.03
C GLU C 55 3.10 36.11 -1.65
N HIS C 56 2.22 36.60 -0.82
CA HIS C 56 1.10 37.35 -1.27
C HIS C 56 1.24 38.66 -0.60
N GLU C 57 1.89 39.54 -1.34
CA GLU C 57 2.29 40.88 -0.97
C GLU C 57 3.80 40.62 -0.94
N GLY C 58 4.55 40.75 0.17
CA GLY C 58 4.11 41.13 1.49
C GLY C 58 4.37 39.99 2.43
N ASP C 59 3.35 39.22 2.69
CA ASP C 59 3.47 38.13 3.59
C ASP C 59 3.73 36.80 2.97
N ILE C 60 4.46 35.96 3.69
CA ILE C 60 4.72 34.64 3.24
C ILE C 60 3.43 33.91 3.49
N VAL C 61 2.90 33.29 2.47
CA VAL C 61 1.65 32.55 2.63
C VAL C 61 1.79 31.05 2.33
N GLY C 62 2.90 30.64 1.75
CA GLY C 62 3.23 29.21 1.70
C GLY C 62 4.72 28.85 1.72
N PHE C 63 4.96 27.58 2.03
CA PHE C 63 6.33 27.08 2.07
C PHE C 63 6.33 25.59 1.85
N ILE C 64 7.31 25.10 1.07
CA ILE C 64 7.64 23.70 1.01
C ILE C 64 9.13 23.57 1.33
N SER C 65 9.50 22.60 2.19
CA SER C 65 10.91 22.25 2.41
C SER C 65 11.06 20.90 1.79
N ALA C 66 12.14 20.69 1.06
CA ALA C 66 12.52 19.41 0.56
C ALA C 66 14.05 19.33 0.42
N PHE C 67 14.54 18.13 0.22
CA PHE C 67 15.93 17.89 -0.01
C PHE C 67 16.03 16.64 -0.82
N ARG C 68 17.13 16.52 -1.54
CA ARG C 68 17.43 15.31 -2.26
C ARG C 68 18.16 14.42 -1.31
N SER C 69 17.77 13.17 -1.27
CA SER C 69 18.31 12.24 -0.36
C SER C 69 19.77 11.99 -0.65
N PRO C 70 20.64 12.17 0.37
CA PRO C 70 22.06 11.95 0.12
C PRO C 70 22.43 10.56 -0.31
N ARG C 71 21.84 9.53 0.27
CA ARG C 71 22.07 8.15 -0.18
C ARG C 71 21.45 7.86 -1.57
N ASN C 72 20.30 8.44 -1.92
CA ASN C 72 19.61 8.13 -3.20
C ASN C 72 19.19 9.44 -3.78
N PRO C 73 20.11 10.11 -4.47
CA PRO C 73 19.83 11.48 -4.96
C PRO C 73 18.74 11.60 -6.02
N GLU C 74 18.26 10.49 -6.54
CA GLU C 74 17.06 10.53 -7.39
C GLU C 74 15.83 10.70 -6.64
N THR C 75 15.92 10.56 -5.33
CA THR C 75 14.74 10.81 -4.48
C THR C 75 14.76 12.20 -3.88
N LEU C 76 13.68 12.91 -4.09
CA LEU C 76 13.38 14.16 -3.44
C LEU C 76 12.41 13.93 -2.30
N PHE C 77 12.90 14.19 -1.08
CA PHE C 77 12.10 14.06 0.09
C PHE C 77 11.44 15.38 0.32
N VAL C 78 10.13 15.35 0.36
CA VAL C 78 9.35 16.53 0.66
C VAL C 78 8.90 16.44 2.11
N TRP C 79 9.39 17.40 2.88
CA TRP C 79 9.33 17.39 4.33
C TRP C 79 8.11 18.14 4.81
N GLN C 80 7.98 19.44 4.58
CA GLN C 80 6.81 20.16 5.07
C GLN C 80 6.18 20.95 3.95
N VAL C 81 4.84 21.01 3.93
CA VAL C 81 4.10 21.87 3.02
C VAL C 81 3.12 22.67 3.87
N ALA C 82 3.20 23.98 3.84
CA ALA C 82 2.38 24.82 4.67
C ALA C 82 1.77 25.93 3.78
N VAL C 83 0.47 26.13 3.91
CA VAL C 83 -0.24 27.31 3.31
C VAL C 83 -1.02 28.01 4.39
N ALA C 84 -0.91 29.34 4.47
CA ALA C 84 -1.65 30.12 5.48
C ALA C 84 -3.15 29.83 5.36
N SER C 85 -3.81 29.74 6.51
CA SER C 85 -5.23 29.44 6.66
C SER C 85 -6.06 30.45 5.81
N SER C 86 -5.66 31.70 5.84
CA SER C 86 -6.27 32.72 5.02
C SER C 86 -6.24 32.41 3.51
N HIS C 87 -5.28 31.57 3.06
CA HIS C 87 -5.02 31.37 1.63
C HIS C 87 -5.22 29.95 1.14
N ARG C 88 -6.01 29.19 1.88
CA ARG C 88 -6.28 27.79 1.50
C ARG C 88 -7.16 27.67 0.27
N ARG C 89 -7.02 26.54 -0.40
CA ARG C 89 -7.90 26.17 -1.50
C ARG C 89 -7.85 27.19 -2.66
N GLN C 90 -6.65 27.75 -2.92
CA GLN C 90 -6.36 28.65 -4.06
C GLN C 90 -5.24 28.14 -4.95
N GLY C 91 -4.90 26.85 -4.89
CA GLY C 91 -3.80 26.31 -5.69
C GLY C 91 -2.34 26.59 -5.31
N ILE C 92 -2.12 27.19 -4.16
CA ILE C 92 -0.74 27.62 -3.80
C ILE C 92 0.19 26.42 -3.56
N ALA C 93 -0.31 25.43 -2.82
CA ALA C 93 0.49 24.21 -2.56
C ALA C 93 0.85 23.55 -3.87
N LYS C 94 -0.17 23.45 -4.73
CA LYS C 94 0.09 22.80 -6.03
C LYS C 94 1.08 23.61 -6.86
N ALA C 95 0.88 24.91 -6.89
CA ALA C 95 1.86 25.79 -7.57
C ALA C 95 3.30 25.70 -6.95
N MET C 96 3.41 25.66 -5.62
CA MET C 96 4.78 25.49 -5.03
C MET C 96 5.43 24.17 -5.47
N LEU C 97 4.64 23.08 -5.44
CA LEU C 97 5.23 21.78 -5.81
C LEU C 97 5.64 21.72 -7.26
N THR C 98 4.77 22.28 -8.10
CA THR C 98 5.01 22.25 -9.56
C THR C 98 6.23 23.04 -9.88
N GLY C 99 6.31 24.25 -9.32
CA GLY C 99 7.53 25.07 -9.52
C GLY C 99 8.76 24.39 -8.95
N LEU C 100 8.60 23.77 -7.77
CA LEU C 100 9.74 23.08 -7.20
C LEU C 100 10.29 21.98 -8.14
N MET C 101 9.40 21.16 -8.66
CA MET C 101 9.81 20.06 -9.51
C MET C 101 10.34 20.52 -10.88
N ASN C 102 9.97 21.73 -11.30
CA ASN C 102 10.60 22.39 -12.49
C ASN C 102 11.90 23.13 -12.24
N GLN C 103 12.41 23.23 -11.02
CA GLN C 103 13.72 23.84 -10.81
C GLN C 103 14.80 22.94 -11.39
N LYS C 104 15.93 23.55 -11.77
CA LYS C 104 17.11 22.87 -12.30
C LYS C 104 17.69 21.92 -11.26
N ALA C 105 17.62 22.32 -9.99
CA ALA C 105 18.06 21.47 -8.87
C ALA C 105 17.27 20.15 -8.72
N CYS C 106 16.02 20.12 -9.22
CA CYS C 106 15.21 18.92 -9.30
C CYS C 106 15.34 18.15 -10.58
N HIS C 107 16.27 18.49 -11.46
CA HIS C 107 16.45 17.71 -12.66
C HIS C 107 17.02 16.31 -12.37
N GLY C 108 16.46 15.27 -12.95
CA GLY C 108 16.82 13.89 -12.59
C GLY C 108 16.13 13.32 -11.36
N VAL C 109 15.24 14.06 -10.74
CA VAL C 109 14.43 13.44 -9.66
C VAL C 109 13.49 12.40 -10.27
N ARG C 110 13.72 11.15 -9.90
CA ARG C 110 12.88 10.04 -10.29
C ARG C 110 11.72 9.79 -9.34
N PHE C 111 11.87 10.08 -8.04
CA PHE C 111 10.79 9.90 -7.08
C PHE C 111 10.67 11.03 -6.09
N ILE C 112 9.46 11.25 -5.62
CA ILE C 112 9.18 11.98 -4.41
C ILE C 112 8.81 10.98 -3.32
N GLU C 113 9.39 11.20 -2.15
CA GLU C 113 9.01 10.55 -0.92
C GLU C 113 8.54 11.62 0.01
N THR C 114 7.51 11.28 0.77
CA THR C 114 6.85 12.23 1.70
C THR C 114 5.94 11.45 2.60
N THR C 115 5.63 11.98 3.77
CA THR C 115 4.84 11.22 4.76
C THR C 115 3.48 11.90 4.83
N VAL C 116 2.37 11.15 4.91
CA VAL C 116 1.03 11.75 4.89
C VAL C 116 0.20 11.07 5.98
N SER C 117 0.05 11.74 7.10
CA SER C 117 -0.72 11.18 8.21
C SER C 117 -2.25 11.14 7.87
N PRO C 118 -3.04 10.37 8.62
CA PRO C 118 -4.48 10.27 8.30
C PRO C 118 -5.21 11.59 8.20
N SER C 119 -4.89 12.55 9.07
CA SER C 119 -5.62 13.78 9.02
C SER C 119 -4.99 14.73 8.03
N ASN C 120 -3.91 14.37 7.33
CA ASN C 120 -3.22 15.38 6.49
C ASN C 120 -3.86 15.34 5.07
N MET C 121 -5.10 15.84 4.99
CA MET C 121 -5.86 15.91 3.74
C MET C 121 -5.19 16.80 2.73
N ALA C 122 -4.57 17.87 3.20
CA ALA C 122 -3.87 18.83 2.29
C ALA C 122 -2.81 18.12 1.54
N SER C 123 -1.98 17.37 2.24
CA SER C 123 -0.93 16.62 1.53
C SER C 123 -1.46 15.50 0.69
N ARG C 124 -2.54 14.89 1.16
CA ARG C 124 -3.14 13.83 0.35
C ARG C 124 -3.66 14.45 -0.97
N ARG C 125 -4.34 15.58 -0.88
CA ARG C 125 -4.90 16.22 -2.08
C ARG C 125 -3.71 16.59 -2.97
N LEU C 126 -2.70 17.18 -2.37
CA LEU C 126 -1.60 17.68 -3.18
C LEU C 126 -0.91 16.56 -3.91
N PHE C 127 -0.47 15.51 -3.22
CA PHE C 127 0.43 14.55 -3.89
C PHE C 127 -0.32 13.57 -4.79
N LEU C 128 -1.47 13.10 -4.32
CA LEU C 128 -2.31 12.25 -5.17
C LEU C 128 -2.79 13.04 -6.43
N GLY C 129 -3.11 14.32 -6.27
CA GLY C 129 -3.46 15.15 -7.42
C GLY C 129 -2.32 15.29 -8.38
N TYR C 130 -1.13 15.50 -7.85
CA TYR C 130 0.03 15.63 -8.69
C TYR C 130 0.33 14.36 -9.44
N ALA C 131 0.30 13.24 -8.74
CA ALA C 131 0.51 11.95 -9.40
C ALA C 131 -0.54 11.65 -10.53
N GLU C 132 -1.80 11.98 -10.30
CA GLU C 132 -2.82 11.92 -11.38
C GLU C 132 -2.51 12.80 -12.54
N GLU C 133 -2.24 14.07 -12.30
CA GLU C 133 -1.83 14.99 -13.36
C GLU C 133 -0.73 14.44 -14.22
N LYS C 134 0.25 13.81 -13.60
CA LYS C 134 1.38 13.30 -14.35
C LYS C 134 1.20 11.89 -14.85
N SER C 135 0.13 11.21 -14.47
CA SER C 135 -0.07 9.81 -14.77
C SER C 135 1.11 8.97 -14.34
N ILE C 136 1.52 9.11 -13.08
CA ILE C 136 2.60 8.24 -12.56
C ILE C 136 2.13 7.54 -11.33
N PRO C 137 2.75 6.41 -11.02
CA PRO C 137 2.27 5.69 -9.84
C PRO C 137 2.44 6.44 -8.47
N SER C 138 1.69 5.96 -7.50
CA SER C 138 1.79 6.42 -6.14
C SER C 138 1.63 5.22 -5.27
N THR C 139 2.54 5.02 -4.35
CA THR C 139 2.61 3.75 -3.61
C THR C 139 2.78 4.21 -2.15
N VAL C 140 2.25 3.44 -1.24
CA VAL C 140 2.31 3.76 0.19
C VAL C 140 3.06 2.65 0.81
N THR C 141 3.93 2.99 1.71
CA THR C 141 4.62 1.99 2.48
C THR C 141 4.86 2.52 3.91
N VAL C 142 5.68 1.81 4.64
CA VAL C 142 5.92 2.07 6.04
C VAL C 142 6.80 3.32 6.17
N GLY C 143 6.31 4.30 6.92
CA GLY C 143 7.07 5.49 7.24
C GLY C 143 7.36 5.47 8.75
N TYR C 144 6.86 6.45 9.51
CA TYR C 144 7.14 6.51 10.92
C TYR C 144 5.84 6.27 11.68
N GLY C 145 5.75 5.14 12.37
CA GLY C 145 4.57 4.82 13.15
C GLY C 145 4.37 5.74 14.34
N ALA C 146 3.13 5.92 14.77
CA ALA C 146 2.88 6.65 15.99
C ALA C 146 3.75 6.18 17.14
N GLU C 147 4.05 4.92 17.22
CA GLU C 147 4.82 4.40 18.36
C GLU C 147 6.23 4.95 18.40
N MET C 148 6.71 5.55 17.32
CA MET C 148 8.07 6.06 17.33
C MET C 148 8.26 7.40 18.07
N PHE C 149 7.16 8.09 18.36
CA PHE C 149 7.13 9.43 18.83
C PHE C 149 7.19 9.45 20.37
N PRO C 150 7.56 10.57 20.99
CA PRO C 150 7.84 10.58 22.45
C PRO C 150 6.64 10.16 23.32
N ASP C 151 6.89 9.46 24.42
CA ASP C 151 5.83 9.07 25.40
C ASP C 151 4.98 10.21 25.85
N GLY C 152 3.65 10.04 25.84
CA GLY C 152 2.73 11.08 26.23
C GLY C 152 2.67 12.24 25.25
N THR C 153 3.00 11.97 24.00
CA THR C 153 2.52 12.76 22.91
C THR C 153 1.58 11.81 22.23
N THR C 154 0.68 12.36 21.47
CA THR C 154 -0.17 11.57 20.60
C THR C 154 0.33 12.08 19.30
N HIS C 155 1.04 11.27 18.55
CA HIS C 155 1.36 11.73 17.19
C HIS C 155 0.68 10.68 16.35
N GLU C 156 0.18 11.11 15.21
CA GLU C 156 -0.34 10.21 14.19
C GLU C 156 0.75 9.42 13.55
N ASP C 157 0.35 8.30 12.97
CA ASP C 157 1.15 7.63 11.98
C ASP C 157 1.54 8.50 10.79
N GLU C 158 2.75 8.29 10.31
CA GLU C 158 3.27 9.01 9.16
C GLU C 158 3.66 7.98 8.09
N PRO C 159 2.66 7.44 7.37
CA PRO C 159 3.00 6.48 6.33
C PRO C 159 3.71 7.22 5.16
N LEU C 160 4.66 6.52 4.58
CA LEU C 160 5.48 7.02 3.46
C LEU C 160 4.80 6.83 2.09
N PHE C 161 4.59 7.96 1.41
CA PHE C 161 4.19 7.97 0.05
C PHE C 161 5.41 8.06 -0.82
N VAL C 162 5.49 7.12 -1.76
CA VAL C 162 6.47 7.15 -2.87
C VAL C 162 5.72 7.41 -4.18
N ILE C 163 5.96 8.57 -4.77
CA ILE C 163 5.37 9.02 -5.99
C ILE C 163 6.40 8.88 -7.08
N GLY C 164 6.05 8.12 -8.10
CA GLY C 164 6.91 7.95 -9.27
C GLY C 164 6.97 6.51 -9.73
N PRO C 165 7.83 6.21 -10.70
CA PRO C 165 8.86 7.11 -11.24
C PRO C 165 8.37 8.24 -12.13
N PHE C 166 9.08 9.34 -12.07
CA PHE C 166 8.73 10.47 -12.88
C PHE C 166 9.17 10.32 -14.36
N PHE C 167 10.14 9.46 -14.67
CA PHE C 167 10.64 9.22 -16.01
C PHE C 167 11.21 7.83 -15.94
N ASN C 168 11.42 7.18 -17.10
CA ASN C 168 11.96 5.80 -17.18
C ASN C 168 13.31 5.81 -17.81
N ASP C 169 14.20 4.96 -17.39
CA ASP C 169 15.42 4.70 -18.11
C ASP C 169 15.14 3.89 -19.44
N ILE C 170 14.14 3.02 -19.45
CA ILE C 170 13.96 1.99 -20.50
C ILE C 170 12.59 2.29 -21.06
N GLY C 171 12.51 2.93 -22.24
CA GLY C 171 11.21 3.16 -22.93
C GLY C 171 10.73 1.93 -23.72
N SER C 172 9.55 1.99 -24.32
CA SER C 172 8.99 0.93 -25.14
C SER C 172 9.82 0.85 -26.43
N ALA C 173 9.68 -0.25 -27.16
CA ALA C 173 10.41 -0.52 -28.40
C ALA C 173 10.14 0.51 -29.49
N TRP C 174 8.99 1.12 -29.42
CA TRP C 174 8.60 2.11 -30.35
C TRP C 174 8.77 3.55 -29.92
N SER C 175 9.41 3.83 -28.79
CA SER C 175 9.57 5.22 -28.31
C SER C 175 10.88 5.81 -28.93
N HIS C 176 11.03 7.13 -28.96
CA HIS C 176 12.32 7.74 -29.44
C HIS C 176 12.40 9.18 -29.02
C1 GOL D . 1.92 -21.81 -6.09
O1 GOL D . 2.70 -20.58 -6.12
C2 GOL D . 1.63 -22.38 -7.48
O2 GOL D . 0.54 -21.68 -8.16
C3 GOL D . 1.32 -23.86 -7.28
O3 GOL D . 0.85 -24.48 -8.49
C01 9YT E . 0.71 -15.31 -10.07
C02 9YT E . -0.19 -16.38 -10.56
O03 9YT E . -0.30 -17.40 -9.80
N04 9YT E . -0.77 -15.89 -11.85
C05 9YT E . -1.61 -16.56 -12.81
C06 9YT E . -3.07 -16.61 -12.53
C07 9YT E . -3.81 -16.90 -13.81
N08 9YT E . -5.22 -17.06 -13.50
C09 9YT E . -3.26 -18.14 -14.51
O10 9YT E . -3.31 -18.05 -15.76
O11 9YT E . -2.77 -19.15 -13.90
C1 GOL F . -17.34 -10.39 28.22
O1 GOL F . -16.59 -9.67 29.16
C2 GOL F . -16.33 -11.17 27.51
O2 GOL F . -15.68 -11.35 28.72
C3 GOL F . -16.71 -12.60 27.05
O3 GOL F . -16.83 -12.75 25.61
C01 9YT G . -9.08 -0.72 9.70
C02 9YT G . -10.10 0.37 10.10
O03 9YT G . -9.96 1.05 11.06
N04 9YT G . -11.35 0.69 9.37
C05 9YT G . -11.89 0.14 8.12
C06 9YT G . -12.94 1.15 7.68
C07 9YT G . -12.54 2.63 7.50
N08 9YT G . -11.24 2.72 6.90
C09 9YT G . -12.65 3.33 8.87
O10 9YT G . -13.79 3.53 9.44
O11 9YT G . -11.57 3.69 9.42
C1 GOL H . 11.91 5.18 -3.69
O1 GOL H . 12.52 6.53 -3.56
C2 GOL H . 12.86 4.37 -4.57
O2 GOL H . 13.89 3.90 -3.69
C3 GOL H . 12.21 3.21 -5.29
O3 GOL H . 13.23 2.43 -5.96
C01 9YT I . 4.42 17.38 3.93
C02 9YT I . 3.88 17.74 5.32
O03 9YT I . 3.27 18.77 5.40
N04 9YT I . 4.08 16.97 6.57
C05 9YT I . 4.78 15.68 6.68
C06 9YT I . 5.75 15.60 7.88
C07 9YT I . 5.45 15.93 9.37
N08 9YT I . 4.12 15.50 9.81
C09 9YT I . 5.86 17.40 9.73
O10 9YT I . 5.09 18.43 9.88
O11 9YT I . 7.10 17.55 9.87
C TRS J . -4.35 24.07 -1.95
C1 TRS J . -3.56 23.21 -2.78
C2 TRS J . -3.63 25.31 -1.96
C3 TRS J . -4.51 23.79 -0.47
N TRS J . -5.60 24.30 -2.74
O1 TRS J . -2.92 23.88 -3.88
O2 TRS J . -2.54 25.02 -1.22
O3 TRS J . -4.51 24.96 0.38
#